data_3W74
#
_entry.id   3W74
#
_cell.length_a   67.907
_cell.length_b   71.451
_cell.length_c   130.293
_cell.angle_alpha   90.000
_cell.angle_beta   90.000
_cell.angle_gamma   90.000
#
_symmetry.space_group_name_H-M   'P 21 21 21'
#
loop_
_entity.id
_entity.type
_entity.pdbx_description
1 polymer 'Dihydroorotate dehydrogenase (fumarate)'
2 non-polymer '2,6-dioxo-5-{2-[4-(trifluoromethoxy)phenyl]ethyl}-1,2,3,6-tetrahydropyrimidine-4-carboxylic acid'
3 non-polymer GLYCEROL
4 non-polymer 'FLAVIN MONONUCLEOTIDE'
5 non-polymer 'COBALT HEXAMMINE(III)'
6 water water
#
_entity_poly.entity_id   1
_entity_poly.type   'polypeptide(L)'
_entity_poly.pdbx_seq_one_letter_code
;MCLKLNLLDHVFANPFMNAAGVLCSTEEDLRCMTASSSGALVSKSCTSAPRDGNPEPRYMAFPLGSINSMGLPNLGFDFY
LKYASDLHDYSKKPLFLSISGLSVEENVAMVRRLAPVAQEKGVLLELNLSCPNVPGKPQVAYDFEAMRTYLQQVSLAYGL
PFGVKMPPYFDIAHFDTAAAVLNEFPLVKFVTCVNSVGNGLVIDAESESVVIKPKQGFGGLGGKYILPTALANVNAFYRR
CPDKLVFGCGGVYSGEDAFLHILAGASMVQVGTALQEEGPGIFTRLEDELLEIMARKGYRTLEEFRGRVKTIE
;
_entity_poly.pdbx_strand_id   A,B
#
# COMPACT_ATOMS: atom_id res chain seq x y z
N MET A 1 -34.91 12.55 2.57
CA MET A 1 -33.59 11.85 2.25
C MET A 1 -32.65 12.75 1.43
N CYS A 2 -31.50 13.15 1.98
CA CYS A 2 -30.66 14.13 1.25
C CYS A 2 -29.17 13.95 1.45
N LEU A 3 -28.43 14.33 0.43
CA LEU A 3 -26.98 14.15 0.49
C LEU A 3 -26.26 15.43 0.85
N LYS A 4 -26.97 16.45 1.31
CA LYS A 4 -26.43 17.82 1.43
C LYS A 4 -25.51 17.89 2.67
N LEU A 5 -24.50 18.76 2.59
CA LEU A 5 -23.55 18.99 3.68
C LEU A 5 -23.26 20.47 3.77
N ASN A 6 -23.08 20.96 4.97
CA ASN A 6 -22.60 22.31 5.15
C ASN A 6 -21.29 22.13 5.90
N LEU A 7 -20.16 22.51 5.31
CA LEU A 7 -18.89 22.51 6.08
C LEU A 7 -17.93 23.56 5.60
N LEU A 8 -16.92 23.90 6.43
CA LEU A 8 -15.93 24.92 6.06
C LEU A 8 -16.61 26.20 5.56
N ASP A 9 -17.79 26.48 6.09
CA ASP A 9 -18.52 27.67 5.68
C ASP A 9 -19.08 27.62 4.25
N HIS A 10 -19.28 26.41 3.73
CA HIS A 10 -19.82 26.31 2.38
C HIS A 10 -20.91 25.28 2.34
N VAL A 11 -21.71 25.35 1.32
CA VAL A 11 -22.81 24.39 1.14
C VAL A 11 -22.54 23.49 -0.07
N PHE A 12 -22.77 22.20 0.10
CA PHE A 12 -22.48 21.20 -0.89
C PHE A 12 -23.76 20.37 -1.15
N ALA A 13 -24.15 20.19 -2.41
CA ALA A 13 -25.35 19.47 -2.70
C ALA A 13 -25.15 17.98 -2.37
N ASN A 14 -23.93 17.48 -2.47
CA ASN A 14 -23.68 16.10 -2.19
C ASN A 14 -22.21 15.99 -1.88
N PRO A 15 -21.72 14.85 -1.39
CA PRO A 15 -20.33 14.81 -0.97
C PRO A 15 -19.27 14.55 -2.02
N PHE A 16 -19.72 14.28 -3.23
CA PHE A 16 -18.81 13.87 -4.29
C PHE A 16 -18.06 14.98 -4.99
N MET A 17 -16.79 14.70 -5.31
CA MET A 17 -16.03 15.68 -6.06
C MET A 17 -15.00 14.87 -6.78
N ASN A 18 -14.35 15.44 -7.80
CA ASN A 18 -13.19 14.81 -8.35
C ASN A 18 -12.00 14.71 -7.34
N ALA A 19 -11.08 13.78 -7.56
CA ALA A 19 -9.78 13.75 -6.89
C ALA A 19 -8.82 14.65 -7.61
N ALA A 20 -7.99 15.40 -6.90
CA ALA A 20 -7.03 16.25 -7.59
C ALA A 20 -6.26 15.47 -8.67
N GLY A 21 -6.08 16.12 -9.80
CA GLY A 21 -5.42 15.57 -10.91
C GLY A 21 -6.32 14.91 -11.94
N VAL A 22 -7.56 14.63 -11.60
CA VAL A 22 -8.47 13.99 -12.59
C VAL A 22 -9.52 14.99 -13.02
N LEU A 23 -9.63 15.17 -14.34
CA LEU A 23 -10.59 16.06 -15.01
C LEU A 23 -10.55 17.44 -14.38
N CYS A 24 -9.35 17.99 -14.23
CA CYS A 24 -9.24 19.34 -13.64
C CYS A 24 -7.98 20.16 -13.98
N SER A 25 -7.39 19.91 -15.15
CA SER A 25 -6.15 20.61 -15.51
C SER A 25 -6.34 21.82 -16.37
N THR A 26 -7.37 21.80 -17.20
CA THR A 26 -7.61 22.86 -18.17
C THR A 26 -8.92 23.51 -17.84
N GLU A 27 -9.13 24.67 -18.48
CA GLU A 27 -10.40 25.41 -18.34
C GLU A 27 -11.54 24.50 -18.74
N GLU A 28 -11.35 23.79 -19.85
CA GLU A 28 -12.38 22.88 -20.36
C GLU A 28 -12.80 21.87 -19.28
N ASP A 29 -11.78 21.31 -18.61
CA ASP A 29 -11.98 20.28 -17.57
C ASP A 29 -12.76 20.82 -16.42
N LEU A 30 -12.33 21.98 -15.95
CA LEU A 30 -12.98 22.62 -14.81
C LEU A 30 -14.43 22.99 -15.14
N ARG A 31 -14.71 23.46 -16.37
CA ARG A 31 -16.07 23.75 -16.78
C ARG A 31 -16.92 22.48 -16.81
N CYS A 32 -16.32 21.40 -17.27
CA CYS A 32 -16.94 20.09 -17.30
C CYS A 32 -17.27 19.58 -15.91
N MET A 33 -16.32 19.68 -14.95
CA MET A 33 -16.61 19.30 -13.62
C MET A 33 -17.68 20.17 -12.98
N THR A 34 -17.67 21.46 -13.30
CA THR A 34 -18.69 22.37 -12.80
C THR A 34 -20.05 22.05 -13.40
N ALA A 35 -20.11 21.67 -14.69
CA ALA A 35 -21.40 21.24 -15.28
C ALA A 35 -21.95 19.89 -14.76
N SER A 36 -21.10 19.08 -14.10
CA SER A 36 -21.49 17.77 -13.60
C SER A 36 -22.33 17.83 -12.35
N SER A 37 -22.77 16.66 -11.85
CA SER A 37 -23.65 16.74 -10.72
C SER A 37 -22.78 16.60 -9.46
N SER A 38 -21.45 16.66 -9.60
CA SER A 38 -20.57 16.69 -8.40
C SER A 38 -20.99 17.75 -7.40
N GLY A 39 -20.72 17.50 -6.10
CA GLY A 39 -20.95 18.52 -5.09
C GLY A 39 -19.87 19.58 -5.00
N ALA A 40 -18.67 19.27 -5.46
CA ALA A 40 -17.64 20.28 -5.55
C ALA A 40 -16.62 19.85 -6.62
N LEU A 41 -15.51 20.62 -6.78
CA LEU A 41 -14.41 20.21 -7.62
C LEU A 41 -13.09 20.74 -7.06
N VAL A 42 -12.01 20.06 -7.40
CA VAL A 42 -10.69 20.53 -7.01
C VAL A 42 -9.84 20.66 -8.27
N SER A 43 -9.09 21.77 -8.38
CA SER A 43 -8.11 22.01 -9.45
C SER A 43 -6.90 21.10 -9.39
N LYS A 44 -6.27 20.84 -10.56
CA LYS A 44 -5.01 20.12 -10.64
C LYS A 44 -3.98 20.76 -9.71
N SER A 45 -3.26 19.94 -8.97
CA SER A 45 -2.13 20.41 -8.18
C SER A 45 -1.16 21.23 -9.03
N CYS A 46 -0.89 22.47 -8.63
CA CYS A 46 -0.14 23.36 -9.46
C CYS A 46 1.20 23.80 -8.81
N THR A 47 2.11 24.23 -9.68
CA THR A 47 3.41 24.78 -9.33
C THR A 47 3.41 26.22 -9.78
N SER A 48 4.39 26.99 -9.33
CA SER A 48 4.53 28.40 -9.74
C SER A 48 4.58 28.54 -11.25
N ALA A 49 5.41 27.75 -11.91
CA ALA A 49 5.57 27.77 -13.35
C ALA A 49 4.72 26.63 -13.99
N PRO A 50 4.17 26.81 -15.20
CA PRO A 50 3.54 25.67 -15.89
C PRO A 50 4.57 24.52 -16.16
N ARG A 51 4.07 23.27 -16.21
CA ARG A 51 4.87 22.08 -16.43
C ARG A 51 4.17 21.18 -17.44
N ASP A 52 5.01 20.54 -18.27
CA ASP A 52 4.60 19.54 -19.27
C ASP A 52 4.44 18.16 -18.64
N GLY A 53 5.15 17.94 -17.54
CA GLY A 53 5.12 16.75 -16.75
C GLY A 53 6.00 15.70 -17.39
N ASN A 54 5.80 14.45 -17.02
CA ASN A 54 6.65 13.39 -17.53
C ASN A 54 6.31 12.88 -18.94
N PRO A 55 7.24 12.11 -19.54
CA PRO A 55 6.91 11.59 -20.84
C PRO A 55 5.81 10.54 -20.82
N GLU A 56 5.05 10.49 -21.91
CA GLU A 56 3.99 9.48 -22.11
C GLU A 56 4.48 8.14 -22.68
N PRO A 57 3.80 7.06 -22.38
CA PRO A 57 2.61 6.90 -21.58
C PRO A 57 2.94 7.03 -20.08
N ARG A 58 2.06 7.70 -19.36
CA ARG A 58 2.35 8.07 -17.97
C ARG A 58 1.12 7.80 -17.05
N TYR A 59 0.03 7.35 -17.67
CA TYR A 59 -1.16 6.86 -16.95
C TYR A 59 -1.68 5.63 -17.65
N MET A 60 -1.98 4.60 -16.89
CA MET A 60 -2.75 3.45 -17.50
C MET A 60 -3.75 2.92 -16.53
N ALA A 61 -4.89 2.41 -17.03
CA ALA A 61 -5.90 1.82 -16.19
C ALA A 61 -6.28 0.40 -16.62
N PHE A 62 -6.72 -0.38 -15.67
CA PHE A 62 -6.95 -1.80 -15.82
C PHE A 62 -8.20 -2.07 -14.99
N PRO A 63 -8.78 -3.30 -15.08
CA PRO A 63 -9.95 -3.67 -14.31
C PRO A 63 -9.87 -3.34 -12.82
N LEU A 64 -8.70 -3.47 -12.19
CA LEU A 64 -8.68 -3.19 -10.75
C LEU A 64 -8.13 -1.83 -10.36
N GLY A 65 -7.90 -0.94 -11.30
CA GLY A 65 -7.37 0.43 -10.99
C GLY A 65 -6.37 0.92 -11.97
N SER A 66 -5.43 1.78 -11.50
CA SER A 66 -4.59 2.67 -12.34
C SER A 66 -3.21 2.89 -11.71
N ILE A 67 -2.25 3.14 -12.60
CA ILE A 67 -0.89 3.51 -12.26
C ILE A 67 -0.56 4.80 -13.02
N ASN A 68 0.15 5.73 -12.35
CA ASN A 68 0.41 7.04 -13.00
C ASN A 68 1.72 7.60 -12.51
N SER A 69 2.49 8.18 -13.41
CA SER A 69 3.60 9.05 -12.99
C SER A 69 3.51 10.28 -13.82
N MET A 70 2.51 11.08 -13.53
CA MET A 70 2.24 12.26 -14.35
C MET A 70 3.41 13.29 -14.27
N GLY A 71 3.92 13.50 -13.08
CA GLY A 71 5.01 14.51 -12.91
C GLY A 71 4.55 15.94 -12.84
N LEU A 72 3.35 16.14 -12.28
CA LEU A 72 2.77 17.44 -12.08
C LEU A 72 2.66 18.31 -13.33
N PRO A 73 2.13 17.76 -14.40
CA PRO A 73 1.82 18.65 -15.54
C PRO A 73 0.67 19.55 -15.13
N ASN A 74 0.75 20.84 -15.46
CA ASN A 74 -0.24 21.80 -15.03
C ASN A 74 0.00 23.13 -15.75
N LEU A 75 -1.01 23.99 -15.71
CA LEU A 75 -0.92 25.20 -16.43
C LEU A 75 -0.22 26.34 -15.65
N GLY A 76 0.27 26.06 -14.45
CA GLY A 76 0.87 27.07 -13.55
C GLY A 76 -0.13 27.74 -12.63
N PHE A 77 0.35 28.22 -11.51
CA PHE A 77 -0.48 28.83 -10.51
C PHE A 77 -1.32 30.00 -10.99
N ASP A 78 -0.76 30.86 -11.81
CA ASP A 78 -1.46 32.02 -12.30
C ASP A 78 -2.76 31.68 -13.05
N PHE A 79 -2.72 30.63 -13.86
CA PHE A 79 -3.97 30.09 -14.46
C PHE A 79 -4.99 29.63 -13.42
N TYR A 80 -4.61 28.79 -12.44
CA TYR A 80 -5.61 28.32 -11.43
C TYR A 80 -6.12 29.45 -10.52
N LEU A 81 -5.23 30.37 -10.16
CA LEU A 81 -5.64 31.56 -9.42
C LEU A 81 -6.62 32.44 -10.16
N LYS A 82 -6.40 32.61 -11.46
CA LYS A 82 -7.36 33.34 -12.35
C LYS A 82 -8.68 32.57 -12.51
N TYR A 83 -8.61 31.24 -12.60
CA TYR A 83 -9.90 30.47 -12.70
C TYR A 83 -10.67 30.71 -11.41
N ALA A 84 -9.99 30.63 -10.27
CA ALA A 84 -10.64 30.88 -9.01
C ALA A 84 -11.16 32.28 -8.87
N SER A 85 -10.41 33.27 -9.31
CA SER A 85 -10.85 34.63 -8.98
C SER A 85 -11.79 35.21 -10.00
N ASP A 86 -11.68 34.80 -11.27
CA ASP A 86 -12.49 35.37 -12.38
C ASP A 86 -13.41 34.44 -13.18
N LEU A 87 -13.14 33.15 -13.29
CA LEU A 87 -13.92 32.28 -14.20
C LEU A 87 -14.88 31.35 -13.50
N HIS A 88 -14.53 30.90 -12.30
CA HIS A 88 -15.41 29.90 -11.63
C HIS A 88 -16.75 30.47 -11.16
N ASP A 89 -17.83 29.75 -11.44
CA ASP A 89 -19.17 30.05 -10.93
C ASP A 89 -19.42 29.39 -9.58
N TYR A 90 -19.14 30.15 -8.51
CA TYR A 90 -19.34 29.73 -7.16
C TYR A 90 -20.81 29.49 -6.87
N SER A 91 -21.73 30.00 -7.70
CA SER A 91 -23.15 29.68 -7.47
C SER A 91 -23.49 28.25 -7.85
N LYS A 92 -22.66 27.64 -8.67
CA LYS A 92 -22.83 26.24 -9.01
C LYS A 92 -22.43 25.30 -7.90
N LYS A 93 -21.23 25.51 -7.34
CA LYS A 93 -20.65 24.59 -6.34
C LYS A 93 -19.29 25.15 -5.87
N PRO A 94 -18.85 24.74 -4.71
CA PRO A 94 -17.58 25.33 -4.29
C PRO A 94 -16.36 24.75 -5.03
N LEU A 95 -15.25 25.47 -4.94
CA LEU A 95 -13.96 25.14 -5.55
C LEU A 95 -12.86 24.98 -4.52
N PHE A 96 -12.12 23.88 -4.63
CA PHE A 96 -10.85 23.70 -3.94
C PHE A 96 -9.76 23.95 -4.95
N LEU A 97 -8.63 24.55 -4.54
CA LEU A 97 -7.49 24.75 -5.43
C LEU A 97 -6.33 24.01 -4.75
N SER A 98 -5.75 23.07 -5.47
CA SER A 98 -4.67 22.24 -4.92
C SER A 98 -3.30 22.87 -5.28
N ILE A 99 -2.40 23.00 -4.34
CA ILE A 99 -1.05 23.42 -4.66
C ILE A 99 0.00 22.38 -4.29
N SER A 100 1.02 22.24 -5.11
CA SER A 100 2.04 21.23 -4.91
C SER A 100 3.42 21.78 -5.26
N GLY A 101 3.81 22.85 -4.57
CA GLY A 101 5.15 23.44 -4.87
C GLY A 101 6.26 22.48 -4.54
N LEU A 102 7.38 22.61 -5.26
CA LEU A 102 8.54 21.74 -5.12
C LEU A 102 9.56 22.23 -4.05
N SER A 103 9.20 23.22 -3.27
CA SER A 103 10.01 23.62 -2.14
C SER A 103 9.10 24.36 -1.25
N VAL A 104 9.51 24.52 0.01
CA VAL A 104 8.69 25.24 0.96
C VAL A 104 8.51 26.69 0.49
N GLU A 105 9.55 27.33 -0.09
CA GLU A 105 9.47 28.74 -0.58
C GLU A 105 8.47 28.93 -1.75
N GLU A 106 8.49 27.96 -2.65
CA GLU A 106 7.48 27.95 -3.75
C GLU A 106 6.07 27.96 -3.16
N ASN A 107 5.81 27.05 -2.23
CA ASN A 107 4.45 26.96 -1.63
C ASN A 107 4.05 28.25 -0.89
N VAL A 108 4.96 28.82 -0.11
CA VAL A 108 4.74 30.07 0.52
C VAL A 108 4.38 31.17 -0.45
N ALA A 109 5.13 31.29 -1.54
CA ALA A 109 4.87 32.33 -2.53
C ALA A 109 3.48 32.18 -3.13
N MET A 110 3.09 30.94 -3.40
CA MET A 110 1.72 30.73 -3.97
C MET A 110 0.64 31.04 -2.93
N VAL A 111 0.78 30.57 -1.69
CA VAL A 111 -0.35 30.84 -0.71
C VAL A 111 -0.52 32.32 -0.33
N ARG A 112 0.57 33.07 -0.33
CA ARG A 112 0.49 34.51 -0.04
C ARG A 112 -0.42 35.21 -1.02
N ARG A 113 -0.36 34.76 -2.27
CA ARG A 113 -1.15 35.36 -3.34
C ARG A 113 -2.58 34.78 -3.45
N LEU A 114 -2.78 33.52 -3.01
CA LEU A 114 -4.13 32.91 -2.91
C LEU A 114 -4.99 33.52 -1.81
N ALA A 115 -4.34 33.92 -0.74
CA ALA A 115 -5.06 34.38 0.44
C ALA A 115 -6.12 35.45 0.16
N PRO A 116 -5.77 36.54 -0.52
CA PRO A 116 -6.83 37.52 -0.82
C PRO A 116 -8.01 36.96 -1.67
N VAL A 117 -7.70 36.07 -2.59
CA VAL A 117 -8.75 35.43 -3.41
C VAL A 117 -9.61 34.49 -2.57
N ALA A 118 -9.01 33.65 -1.73
CA ALA A 118 -9.73 32.86 -0.79
C ALA A 118 -10.66 33.66 0.11
N GLN A 119 -10.13 34.74 0.68
CA GLN A 119 -10.97 35.57 1.55
C GLN A 119 -12.11 36.20 0.75
N GLU A 120 -11.84 36.63 -0.47
CA GLU A 120 -12.88 37.33 -1.23
C GLU A 120 -13.91 36.43 -1.95
N LYS A 121 -13.45 35.31 -2.52
CA LYS A 121 -14.31 34.45 -3.37
C LYS A 121 -14.70 33.16 -2.66
N GLY A 122 -13.91 32.74 -1.66
CA GLY A 122 -14.20 31.55 -0.88
C GLY A 122 -13.59 30.25 -1.44
N VAL A 123 -12.68 30.37 -2.40
CA VAL A 123 -11.84 29.27 -2.81
C VAL A 123 -11.12 28.65 -1.60
N LEU A 124 -11.02 27.33 -1.59
CA LEU A 124 -10.52 26.56 -0.50
C LEU A 124 -9.18 25.91 -0.92
N LEU A 125 -8.14 26.06 -0.10
CA LEU A 125 -6.82 25.57 -0.39
C LEU A 125 -6.65 24.12 0.10
N GLU A 126 -6.10 23.28 -0.75
CA GLU A 126 -5.69 21.90 -0.40
C GLU A 126 -4.23 21.87 -0.69
N LEU A 127 -3.43 21.70 0.35
CA LEU A 127 -2.00 21.68 0.17
C LEU A 127 -1.55 20.23 0.01
N ASN A 128 -0.85 19.92 -1.08
CA ASN A 128 -0.47 18.57 -1.41
C ASN A 128 0.86 18.25 -0.79
N LEU A 129 0.83 17.40 0.24
CA LEU A 129 2.00 17.10 1.02
C LEU A 129 2.59 15.80 0.55
N SER A 130 1.94 15.17 -0.44
CA SER A 130 2.22 13.79 -0.86
C SER A 130 3.02 13.95 -2.10
N CYS A 131 4.14 14.64 -1.94
CA CYS A 131 4.81 15.39 -2.98
C CYS A 131 6.36 15.52 -2.73
N PRO A 132 7.22 15.29 -3.76
CA PRO A 132 8.67 15.66 -3.84
C PRO A 132 9.22 16.87 -3.05
N ASN A 133 10.28 16.61 -2.30
CA ASN A 133 11.02 17.67 -1.61
C ASN A 133 12.40 17.57 -2.25
N VAL A 134 13.47 17.61 -1.48
CA VAL A 134 14.81 17.21 -1.96
C VAL A 134 14.87 15.75 -2.51
N PRO A 135 15.20 15.56 -3.80
CA PRO A 135 15.35 14.17 -4.33
C PRO A 135 16.39 13.29 -3.57
N GLY A 136 16.07 12.01 -3.40
CA GLY A 136 16.75 11.11 -2.41
C GLY A 136 16.31 11.28 -0.93
N LYS A 137 15.42 12.23 -0.68
CA LYS A 137 14.67 12.23 0.57
C LYS A 137 13.24 11.80 0.28
N PRO A 138 12.55 11.35 1.32
CA PRO A 138 11.19 10.85 1.01
C PRO A 138 10.28 12.00 0.67
N GLN A 139 9.13 11.72 0.04
CA GLN A 139 8.13 12.78 -0.17
C GLN A 139 7.84 13.48 1.17
N VAL A 140 7.31 14.69 1.08
CA VAL A 140 7.25 15.57 2.25
C VAL A 140 6.51 14.94 3.47
N ALA A 141 5.40 14.28 3.20
CA ALA A 141 4.55 13.73 4.34
C ALA A 141 5.15 12.47 4.94
N TYR A 142 6.18 11.93 4.32
CA TYR A 142 6.94 10.85 4.88
C TYR A 142 8.24 11.35 5.56
N ASP A 143 8.41 12.66 5.67
CA ASP A 143 9.51 13.25 6.44
C ASP A 143 8.86 14.25 7.44
N PHE A 144 8.67 13.83 8.68
CA PHE A 144 7.85 14.61 9.63
C PHE A 144 8.42 15.91 10.02
N GLU A 145 9.75 16.04 9.96
CA GLU A 145 10.42 17.36 10.20
C GLU A 145 10.17 18.31 9.03
N ALA A 146 10.27 17.82 7.77
CA ALA A 146 9.87 18.61 6.61
C ALA A 146 8.38 18.99 6.64
N MET A 147 7.52 18.03 6.98
CA MET A 147 6.10 18.30 7.07
C MET A 147 5.81 19.44 8.05
N ARG A 148 6.40 19.36 9.24
CA ARG A 148 6.19 20.41 10.23
C ARG A 148 6.63 21.77 9.63
N THR A 149 7.78 21.77 8.98
CA THR A 149 8.26 22.99 8.40
C THR A 149 7.30 23.56 7.36
N TYR A 150 6.77 22.68 6.50
CA TYR A 150 5.87 23.18 5.45
C TYR A 150 4.60 23.74 6.10
N LEU A 151 4.04 23.04 7.08
CA LEU A 151 2.82 23.53 7.75
C LEU A 151 3.07 24.80 8.57
N GLN A 152 4.23 24.89 9.20
CA GLN A 152 4.59 26.13 9.93
C GLN A 152 4.57 27.34 8.99
N GLN A 153 5.27 27.20 7.89
CA GLN A 153 5.48 28.31 6.94
C GLN A 153 4.22 28.66 6.16
N VAL A 154 3.42 27.67 5.74
CA VAL A 154 2.18 27.93 5.02
C VAL A 154 1.10 28.53 5.97
N SER A 155 1.05 28.06 7.20
CA SER A 155 0.17 28.62 8.24
C SER A 155 0.47 30.11 8.35
N LEU A 156 1.74 30.44 8.58
CA LEU A 156 2.17 31.86 8.73
C LEU A 156 1.79 32.70 7.51
N ALA A 157 2.06 32.15 6.33
CA ALA A 157 1.98 32.90 5.10
C ALA A 157 0.57 33.06 4.61
N TYR A 158 -0.32 32.08 4.91
CA TYR A 158 -1.70 32.05 4.41
C TYR A 158 -2.66 32.63 5.41
N GLY A 159 -2.57 32.22 6.66
CA GLY A 159 -3.36 32.80 7.70
C GLY A 159 -4.84 32.45 7.71
N LEU A 160 -5.25 31.48 6.90
CA LEU A 160 -6.68 31.16 6.69
C LEU A 160 -6.87 29.65 6.83
N PRO A 161 -8.09 29.17 7.10
CA PRO A 161 -8.26 27.71 7.13
C PRO A 161 -7.86 27.11 5.82
N PHE A 162 -7.15 25.99 5.86
CA PHE A 162 -6.86 25.24 4.65
C PHE A 162 -6.93 23.73 4.97
N GLY A 163 -6.64 22.90 3.97
CA GLY A 163 -6.51 21.43 4.17
C GLY A 163 -5.27 20.87 3.52
N VAL A 164 -4.97 19.64 3.90
CA VAL A 164 -3.78 18.97 3.43
C VAL A 164 -4.20 17.67 2.72
N LYS A 165 -3.55 17.33 1.62
CA LYS A 165 -3.71 15.99 1.02
C LYS A 165 -2.51 15.11 1.41
N MET A 166 -2.84 13.97 1.99
CA MET A 166 -1.89 13.14 2.65
C MET A 166 -1.69 11.85 1.85
N PRO A 167 -0.46 11.32 1.82
CA PRO A 167 -0.24 9.99 1.30
C PRO A 167 -0.78 8.98 2.32
N PRO A 168 -0.90 7.70 1.92
CA PRO A 168 -1.22 6.61 2.86
C PRO A 168 -0.05 6.25 3.75
N TYR A 169 -0.37 6.01 5.03
CA TYR A 169 0.57 5.38 5.95
C TYR A 169 0.14 3.93 6.18
N PHE A 170 1.08 3.11 6.58
CA PHE A 170 0.95 1.67 6.76
C PHE A 170 1.42 1.13 8.10
N ASP A 171 1.81 2.05 9.01
CA ASP A 171 2.32 1.72 10.34
C ASP A 171 1.58 2.61 11.34
N ILE A 172 1.12 1.99 12.40
CA ILE A 172 0.36 2.69 13.47
C ILE A 172 1.19 3.85 14.03
N ALA A 173 2.51 3.66 14.11
CA ALA A 173 3.36 4.67 14.71
C ALA A 173 3.37 5.88 13.83
N HIS A 174 3.23 5.66 12.52
CA HIS A 174 3.19 6.75 11.58
C HIS A 174 1.88 7.51 11.61
N PHE A 175 0.76 6.80 11.70
CA PHE A 175 -0.53 7.42 11.90
C PHE A 175 -0.37 8.31 13.13
N ASP A 176 0.20 7.79 14.21
CA ASP A 176 0.28 8.58 15.47
C ASP A 176 1.06 9.89 15.29
N THR A 177 2.23 9.80 14.70
CA THR A 177 3.10 10.97 14.58
C THR A 177 2.52 11.94 13.60
N ALA A 178 2.02 11.45 12.47
CA ALA A 178 1.44 12.32 11.46
C ALA A 178 0.30 13.09 12.00
N ALA A 179 -0.66 12.44 12.67
CA ALA A 179 -1.79 13.18 13.21
C ALA A 179 -1.32 14.23 14.24
N ALA A 180 -0.33 13.88 15.04
CA ALA A 180 0.20 14.80 16.06
C ALA A 180 0.89 15.99 15.40
N VAL A 181 1.57 15.81 14.25
CA VAL A 181 2.05 17.00 13.52
C VAL A 181 0.92 17.87 13.00
N LEU A 182 -0.06 17.25 12.37
CA LEU A 182 -1.22 17.99 11.85
C LEU A 182 -1.99 18.71 12.97
N ASN A 183 -2.13 18.04 14.09
CA ASN A 183 -2.84 18.60 15.29
C ASN A 183 -2.11 19.83 15.94
N GLU A 184 -0.89 20.11 15.55
CA GLU A 184 -0.18 21.34 15.98
C GLU A 184 -0.65 22.57 15.20
N PHE A 185 -1.42 22.39 14.10
CA PHE A 185 -1.73 23.51 13.21
C PHE A 185 -3.20 23.74 13.17
N PRO A 186 -3.68 24.66 13.99
CA PRO A 186 -5.11 24.79 14.06
C PRO A 186 -5.74 25.29 12.75
N LEU A 187 -4.94 25.86 11.84
CA LEU A 187 -5.52 26.27 10.50
C LEU A 187 -5.78 25.07 9.53
N VAL A 188 -5.21 23.92 9.80
CA VAL A 188 -5.52 22.74 9.04
C VAL A 188 -6.91 22.24 9.46
N LYS A 189 -7.92 22.58 8.69
CA LYS A 189 -9.31 22.22 9.06
C LYS A 189 -9.77 20.94 8.37
N PHE A 190 -9.10 20.52 7.31
CA PHE A 190 -9.45 19.23 6.69
C PHE A 190 -8.21 18.47 6.25
N VAL A 191 -8.32 17.15 6.25
CA VAL A 191 -7.28 16.24 5.86
C VAL A 191 -7.86 15.29 4.85
N THR A 192 -7.21 15.22 3.68
CA THR A 192 -7.65 14.34 2.58
C THR A 192 -6.76 13.08 2.55
N CYS A 193 -7.41 11.93 2.78
CA CYS A 193 -6.79 10.65 2.84
C CYS A 193 -7.43 9.79 1.78
N VAL A 194 -6.71 9.33 0.74
CA VAL A 194 -5.30 9.34 0.58
C VAL A 194 -4.94 9.69 -0.83
N ASN A 195 -3.68 10.10 -1.02
CA ASN A 195 -3.05 10.16 -2.35
C ASN A 195 -2.80 8.72 -2.77
N SER A 196 -2.20 8.54 -3.95
CA SER A 196 -1.97 7.21 -4.49
C SER A 196 -1.00 6.40 -3.61
N VAL A 197 -1.18 5.09 -3.63
CA VAL A 197 -0.25 4.17 -3.01
C VAL A 197 1.08 4.18 -3.87
N GLY A 198 2.12 4.73 -3.26
CA GLY A 198 3.31 5.04 -4.00
C GLY A 198 4.10 3.92 -4.55
N ASN A 199 4.66 4.17 -5.73
CA ASN A 199 5.67 3.36 -6.35
C ASN A 199 5.32 1.90 -6.47
N GLY A 200 4.15 1.66 -7.06
CA GLY A 200 3.74 0.33 -7.45
C GLY A 200 4.32 0.08 -8.82
N LEU A 201 4.19 -1.16 -9.32
CA LEU A 201 4.77 -1.53 -10.60
C LEU A 201 3.80 -2.51 -11.31
N VAL A 202 3.25 -2.09 -12.43
CA VAL A 202 2.34 -2.87 -13.29
C VAL A 202 3.15 -3.40 -14.50
N ILE A 203 3.07 -4.69 -14.71
CA ILE A 203 3.75 -5.39 -15.79
C ILE A 203 2.68 -6.10 -16.64
N ASP A 204 2.84 -5.98 -17.93
CA ASP A 204 1.95 -6.60 -18.89
C ASP A 204 2.55 -7.99 -19.25
N ALA A 205 1.81 -9.07 -19.07
CA ALA A 205 2.41 -10.41 -19.26
C ALA A 205 2.73 -10.73 -20.74
N GLU A 206 1.89 -10.30 -21.65
CA GLU A 206 2.10 -10.60 -23.08
C GLU A 206 3.35 -9.93 -23.59
N SER A 207 3.47 -8.62 -23.38
CA SER A 207 4.59 -7.86 -23.85
C SER A 207 5.84 -7.91 -22.88
N GLU A 208 5.66 -8.48 -21.69
CA GLU A 208 6.78 -8.52 -20.71
C GLU A 208 7.37 -7.21 -20.37
N SER A 209 6.51 -6.20 -20.42
CA SER A 209 6.93 -4.82 -20.29
C SER A 209 6.14 -4.12 -19.19
N VAL A 210 6.81 -3.17 -18.51
CA VAL A 210 6.10 -2.15 -17.71
C VAL A 210 5.12 -1.37 -18.61
N VAL A 211 4.17 -0.66 -18.03
CA VAL A 211 3.11 -0.03 -18.82
C VAL A 211 3.16 1.48 -18.85
N ILE A 212 4.01 2.10 -18.01
CA ILE A 212 4.29 3.50 -18.11
C ILE A 212 5.79 3.73 -18.24
N LYS A 213 6.09 4.83 -18.87
CA LYS A 213 7.45 5.20 -19.26
C LYS A 213 8.37 5.81 -18.17
N PRO A 214 7.88 6.73 -17.33
CA PRO A 214 8.74 7.40 -16.32
C PRO A 214 9.16 6.43 -15.23
N LYS A 215 10.27 6.69 -14.55
CA LYS A 215 10.68 5.91 -13.41
C LYS A 215 10.71 4.39 -13.60
N GLN A 216 11.09 3.92 -14.76
CA GLN A 216 11.21 2.46 -15.03
C GLN A 216 9.92 1.68 -14.77
N GLY A 217 8.81 2.43 -14.92
CA GLY A 217 7.46 1.89 -14.81
C GLY A 217 6.86 2.03 -13.44
N PHE A 218 7.63 2.59 -12.44
CA PHE A 218 7.12 2.71 -11.12
C PHE A 218 6.16 3.91 -11.03
N GLY A 219 5.02 3.76 -10.41
CA GLY A 219 4.17 4.91 -10.27
C GLY A 219 3.09 4.69 -9.26
N GLY A 220 2.31 5.73 -9.00
CA GLY A 220 1.32 5.65 -7.94
C GLY A 220 0.05 4.90 -8.33
N LEU A 221 -0.45 4.11 -7.38
CA LEU A 221 -1.60 3.21 -7.63
C LEU A 221 -2.88 3.80 -7.11
N GLY A 222 -3.93 3.67 -7.92
CA GLY A 222 -5.22 4.08 -7.56
C GLY A 222 -6.24 3.03 -7.93
N GLY A 223 -7.45 3.19 -7.41
CA GLY A 223 -8.59 2.35 -7.79
C GLY A 223 -8.86 1.24 -6.81
N LYS A 224 -9.42 0.13 -7.34
CA LYS A 224 -9.82 -1.01 -6.49
C LYS A 224 -8.72 -1.55 -5.60
N TYR A 225 -7.46 -1.51 -6.08
CA TYR A 225 -6.30 -1.90 -5.32
C TYR A 225 -6.26 -1.19 -4.01
N ILE A 226 -6.75 0.02 -3.94
CA ILE A 226 -6.40 0.82 -2.75
C ILE A 226 -7.53 1.13 -1.78
N LEU A 227 -8.72 0.58 -1.99
CA LEU A 227 -9.86 0.98 -1.13
C LEU A 227 -9.66 0.65 0.35
N PRO A 228 -9.20 -0.55 0.69
CA PRO A 228 -8.97 -0.74 2.13
C PRO A 228 -7.89 0.09 2.80
N THR A 229 -6.85 0.39 2.03
CA THR A 229 -5.81 1.28 2.49
C THR A 229 -6.42 2.66 2.74
N ALA A 230 -7.26 3.12 1.78
CA ALA A 230 -7.82 4.50 1.86
C ALA A 230 -8.83 4.54 3.05
N LEU A 231 -9.64 3.49 3.26
CA LEU A 231 -10.53 3.44 4.40
C LEU A 231 -9.76 3.45 5.74
N ALA A 232 -8.70 2.70 5.83
CA ALA A 232 -7.88 2.72 7.06
C ALA A 232 -7.36 4.11 7.41
N ASN A 233 -6.88 4.82 6.43
CA ASN A 233 -6.31 6.15 6.65
C ASN A 233 -7.40 7.18 6.97
N VAL A 234 -8.51 7.14 6.26
CA VAL A 234 -9.64 7.96 6.64
C VAL A 234 -9.98 7.68 8.11
N ASN A 235 -10.07 6.43 8.51
CA ASN A 235 -10.58 6.20 9.85
C ASN A 235 -9.49 6.54 10.90
N ALA A 236 -8.24 6.31 10.57
CA ALA A 236 -7.10 6.52 11.52
C ALA A 236 -6.97 7.99 11.85
N PHE A 237 -7.11 8.82 10.82
CA PHE A 237 -7.15 10.28 11.04
C PHE A 237 -8.44 10.82 11.59
N TYR A 238 -9.62 10.21 11.25
CA TYR A 238 -10.89 10.61 11.81
C TYR A 238 -10.80 10.43 13.30
N ARG A 239 -10.20 9.33 13.73
CA ARG A 239 -10.10 9.04 15.13
C ARG A 239 -9.03 9.94 15.82
N ARG A 240 -7.94 10.24 15.16
CA ARG A 240 -6.90 11.00 15.85
C ARG A 240 -7.08 12.48 15.71
N CYS A 241 -7.89 12.98 14.73
CA CYS A 241 -8.00 14.47 14.57
C CYS A 241 -9.43 14.96 14.81
N PRO A 242 -9.84 14.97 16.10
CA PRO A 242 -11.24 15.23 16.39
C PRO A 242 -11.70 16.65 15.99
N ASP A 243 -10.80 17.60 15.97
CA ASP A 243 -11.15 18.98 15.63
C ASP A 243 -11.06 19.26 14.13
N LYS A 244 -10.83 18.23 13.30
CA LYS A 244 -10.66 18.41 11.87
C LYS A 244 -11.63 17.54 11.09
N LEU A 245 -11.91 17.95 9.84
CA LEU A 245 -12.71 17.14 8.91
C LEU A 245 -11.79 16.19 8.18
N VAL A 246 -12.30 15.02 7.80
CA VAL A 246 -11.49 14.13 6.95
C VAL A 246 -12.21 13.98 5.62
N PHE A 247 -11.52 14.14 4.48
CA PHE A 247 -12.14 13.87 3.15
C PHE A 247 -11.60 12.51 2.73
N GLY A 248 -12.44 11.65 2.14
CA GLY A 248 -11.96 10.37 1.74
C GLY A 248 -11.71 10.34 0.26
N CYS A 249 -10.71 9.54 -0.14
CA CYS A 249 -10.29 9.44 -1.52
C CYS A 249 -9.56 8.12 -1.62
N GLY A 250 -10.04 7.25 -2.49
CA GLY A 250 -9.32 6.07 -2.83
C GLY A 250 -10.33 4.96 -3.11
N GLY A 251 -10.29 4.44 -4.32
CA GLY A 251 -11.13 3.27 -4.68
C GLY A 251 -12.66 3.41 -4.74
N VAL A 252 -13.17 4.64 -4.89
CA VAL A 252 -14.55 4.85 -5.05
C VAL A 252 -14.99 4.62 -6.50
N TYR A 253 -15.72 3.53 -6.72
CA TYR A 253 -16.47 3.21 -7.94
C TYR A 253 -18.00 3.18 -7.85
N SER A 254 -18.57 3.27 -6.68
CA SER A 254 -20.00 2.98 -6.47
C SER A 254 -20.46 3.67 -5.21
N GLY A 255 -21.76 3.69 -5.01
CA GLY A 255 -22.34 4.39 -3.88
C GLY A 255 -21.98 3.54 -2.69
N GLU A 256 -21.88 2.23 -2.88
CA GLU A 256 -21.46 1.42 -1.76
C GLU A 256 -20.07 1.76 -1.25
N ASP A 257 -19.10 1.92 -2.17
CA ASP A 257 -17.74 2.43 -1.80
C ASP A 257 -17.70 3.76 -1.08
N ALA A 258 -18.49 4.70 -1.57
CA ALA A 258 -18.72 6.00 -0.88
C ALA A 258 -19.31 5.85 0.49
N PHE A 259 -20.38 5.05 0.59
CA PHE A 259 -20.94 4.71 1.88
C PHE A 259 -19.87 4.19 2.90
N LEU A 260 -18.94 3.37 2.44
CA LEU A 260 -17.93 2.84 3.34
C LEU A 260 -16.94 3.93 3.77
N HIS A 261 -16.55 4.78 2.83
CA HIS A 261 -15.74 5.96 3.21
C HIS A 261 -16.38 6.81 4.30
N ILE A 262 -17.71 7.01 4.15
CA ILE A 262 -18.47 7.85 5.04
C ILE A 262 -18.58 7.20 6.40
N LEU A 263 -18.95 5.92 6.45
CA LEU A 263 -18.82 5.16 7.72
C LEU A 263 -17.48 5.29 8.41
N ALA A 264 -16.39 5.25 7.65
CA ALA A 264 -15.01 5.43 8.15
C ALA A 264 -14.69 6.81 8.69
N GLY A 265 -15.49 7.79 8.30
CA GLY A 265 -15.43 9.15 8.82
C GLY A 265 -15.34 10.24 7.78
N ALA A 266 -15.50 9.94 6.50
CA ALA A 266 -15.39 10.87 5.52
C ALA A 266 -16.50 11.91 5.48
N SER A 267 -16.12 13.15 5.22
CA SER A 267 -17.10 14.21 4.90
C SER A 267 -17.30 14.29 3.41
N MET A 268 -16.30 14.77 2.73
CA MET A 268 -16.33 14.74 1.28
C MET A 268 -15.70 13.39 0.85
N VAL A 269 -16.09 12.94 -0.33
CA VAL A 269 -15.62 11.76 -0.92
C VAL A 269 -15.17 12.09 -2.38
N GLN A 270 -13.90 11.88 -2.64
CA GLN A 270 -13.34 12.21 -3.93
C GLN A 270 -13.28 10.97 -4.84
N VAL A 271 -13.32 11.21 -6.13
CA VAL A 271 -13.27 10.17 -7.12
C VAL A 271 -12.18 10.42 -8.15
N GLY A 272 -11.18 9.52 -8.21
CA GLY A 272 -10.10 9.64 -9.18
C GLY A 272 -10.25 8.68 -10.33
N THR A 273 -9.63 7.55 -10.17
CA THR A 273 -9.56 6.53 -11.23
C THR A 273 -10.90 6.27 -11.88
N ALA A 274 -11.91 6.10 -11.06
CA ALA A 274 -13.21 5.66 -11.66
C ALA A 274 -13.82 6.75 -12.54
N LEU A 275 -13.60 8.00 -12.10
CA LEU A 275 -13.97 9.21 -12.85
C LEU A 275 -13.15 9.33 -14.15
N GLN A 276 -11.83 9.17 -14.06
CA GLN A 276 -10.99 9.09 -15.24
C GLN A 276 -11.54 8.05 -16.25
N GLU A 277 -12.01 6.92 -15.73
CA GLU A 277 -12.50 5.84 -16.60
C GLU A 277 -13.89 5.98 -17.13
N GLU A 278 -14.85 6.33 -16.29
CA GLU A 278 -16.25 6.40 -16.66
C GLU A 278 -16.67 7.78 -17.19
N GLY A 279 -15.98 8.83 -16.75
CA GLY A 279 -16.34 10.21 -17.06
C GLY A 279 -17.32 10.78 -16.03
N PRO A 280 -17.70 12.05 -16.14
CA PRO A 280 -18.46 12.80 -15.15
C PRO A 280 -19.87 12.32 -14.94
N GLY A 281 -20.42 11.59 -15.88
CA GLY A 281 -21.70 10.93 -15.62
C GLY A 281 -21.71 10.06 -14.37
N ILE A 282 -20.53 9.64 -13.92
CA ILE A 282 -20.37 8.80 -12.71
C ILE A 282 -21.03 9.43 -11.48
N PHE A 283 -21.09 10.77 -11.45
CA PHE A 283 -21.62 11.42 -10.27
C PHE A 283 -23.12 11.20 -10.08
N THR A 284 -23.88 11.10 -11.17
CA THR A 284 -25.31 10.79 -10.99
C THR A 284 -25.46 9.41 -10.50
N ARG A 285 -24.68 8.50 -11.03
CA ARG A 285 -24.80 7.10 -10.61
C ARG A 285 -24.48 6.94 -9.13
N LEU A 286 -23.42 7.60 -8.68
CA LEU A 286 -22.92 7.47 -7.33
C LEU A 286 -23.93 8.07 -6.41
N GLU A 287 -24.52 9.20 -6.82
CA GLU A 287 -25.56 9.79 -5.97
C GLU A 287 -26.79 8.86 -5.81
N ASP A 288 -27.29 8.36 -6.94
CA ASP A 288 -28.42 7.40 -6.95
C ASP A 288 -28.15 6.14 -6.13
N GLU A 289 -26.96 5.56 -6.30
CA GLU A 289 -26.59 4.36 -5.61
C GLU A 289 -26.47 4.58 -4.12
N LEU A 290 -25.97 5.75 -3.71
CA LEU A 290 -25.78 6.01 -2.28
C LEU A 290 -27.17 6.21 -1.64
N LEU A 291 -28.03 6.95 -2.30
CA LEU A 291 -29.39 7.19 -1.82
C LEU A 291 -30.17 5.92 -1.74
N GLU A 292 -29.93 4.99 -2.68
CA GLU A 292 -30.59 3.67 -2.63
C GLU A 292 -30.15 2.87 -1.38
N ILE A 293 -28.87 2.98 -1.02
CA ILE A 293 -28.38 2.35 0.23
C ILE A 293 -28.91 2.99 1.49
N MET A 294 -28.92 4.33 1.54
CA MET A 294 -29.55 5.03 2.64
C MET A 294 -31.05 4.66 2.79
N ALA A 295 -31.79 4.64 1.68
CA ALA A 295 -33.23 4.29 1.72
C ALA A 295 -33.50 2.93 2.37
N ARG A 296 -32.77 1.92 1.90
CA ARG A 296 -32.85 0.57 2.44
C ARG A 296 -32.52 0.51 3.92
N LYS A 297 -31.68 1.40 4.42
CA LYS A 297 -31.21 1.35 5.76
C LYS A 297 -31.94 2.31 6.63
N GLY A 298 -32.86 3.06 6.03
CA GLY A 298 -33.56 4.09 6.79
C GLY A 298 -32.74 5.30 7.17
N TYR A 299 -31.67 5.63 6.44
CA TYR A 299 -30.87 6.82 6.81
C TYR A 299 -31.37 8.01 5.97
N ARG A 300 -31.48 9.16 6.58
CA ARG A 300 -32.05 10.34 5.91
C ARG A 300 -31.01 11.37 5.60
N THR A 301 -29.98 11.43 6.41
CA THR A 301 -28.84 12.25 6.14
C THR A 301 -27.50 11.53 6.35
N LEU A 302 -26.43 12.18 5.88
CA LEU A 302 -25.08 11.61 5.99
C LEU A 302 -24.53 11.59 7.41
N GLU A 303 -24.85 12.63 8.19
CA GLU A 303 -24.42 12.70 9.60
C GLU A 303 -24.98 11.52 10.45
N GLU A 304 -26.05 10.87 10.00
CA GLU A 304 -26.59 9.76 10.77
C GLU A 304 -25.66 8.55 10.79
N PHE A 305 -24.79 8.41 9.79
CA PHE A 305 -23.82 7.29 9.76
C PHE A 305 -22.35 7.68 9.58
N ARG A 306 -22.03 8.98 9.41
CA ARG A 306 -20.62 9.35 9.22
C ARG A 306 -19.79 8.97 10.44
N GLY A 307 -18.71 8.24 10.21
CA GLY A 307 -17.78 7.82 11.29
C GLY A 307 -18.39 6.74 12.22
N ARG A 308 -19.49 6.12 11.86
CA ARG A 308 -20.13 5.19 12.80
C ARG A 308 -19.83 3.73 12.51
N VAL A 309 -18.73 3.49 11.81
CA VAL A 309 -18.31 2.14 11.54
C VAL A 309 -18.25 1.46 12.90
N LYS A 310 -18.80 0.26 12.94
CA LYS A 310 -18.84 -0.56 14.16
C LYS A 310 -17.58 -1.37 14.23
N THR A 311 -16.99 -1.51 15.39
CA THR A 311 -15.96 -2.52 15.59
C THR A 311 -16.53 -3.75 16.28
N ILE A 312 -15.75 -4.81 16.41
CA ILE A 312 -16.25 -6.04 16.98
C ILE A 312 -15.73 -6.05 18.42
N GLU A 313 -16.65 -6.17 19.39
CA GLU A 313 -16.35 -6.01 20.85
C GLU A 313 -15.65 -4.68 21.17
N MET B 1 9.90 -30.88 -20.50
CA MET B 1 10.31 -29.64 -19.73
C MET B 1 9.79 -29.59 -18.27
N CYS B 2 10.65 -29.07 -17.38
CA CYS B 2 10.41 -29.04 -15.94
C CYS B 2 10.98 -27.74 -15.38
N LEU B 3 10.43 -27.29 -14.25
CA LEU B 3 10.75 -25.97 -13.65
C LEU B 3 11.81 -26.10 -12.56
N LYS B 4 12.62 -27.18 -12.60
CA LYS B 4 13.67 -27.46 -11.59
C LYS B 4 14.66 -26.30 -11.50
N LEU B 5 15.23 -26.00 -10.29
CA LEU B 5 16.20 -24.96 -10.01
C LEU B 5 17.03 -25.13 -8.73
N ASN B 6 18.19 -24.48 -8.68
CA ASN B 6 19.14 -24.51 -7.58
C ASN B 6 19.43 -23.15 -7.03
N LEU B 7 19.18 -22.96 -5.73
CA LEU B 7 19.44 -21.69 -5.00
C LEU B 7 19.96 -22.03 -3.63
N LEU B 8 20.82 -21.20 -3.10
CA LEU B 8 21.30 -21.36 -1.74
C LEU B 8 21.87 -22.79 -1.46
N ASP B 9 22.53 -23.38 -2.42
CA ASP B 9 23.07 -24.73 -2.23
C ASP B 9 22.00 -25.83 -2.02
N HIS B 10 20.77 -25.59 -2.45
CA HIS B 10 19.72 -26.58 -2.41
C HIS B 10 19.01 -26.70 -3.79
N VAL B 11 18.41 -27.85 -4.04
CA VAL B 11 17.65 -28.07 -5.26
C VAL B 11 16.16 -27.94 -4.99
N PHE B 12 15.45 -27.28 -5.93
CA PHE B 12 14.03 -27.10 -5.83
C PHE B 12 13.33 -27.60 -7.14
N ALA B 13 12.22 -28.28 -7.00
CA ALA B 13 11.52 -28.91 -8.15
C ALA B 13 10.77 -27.86 -8.94
N ASN B 14 10.50 -26.75 -8.27
CA ASN B 14 9.84 -25.64 -8.93
C ASN B 14 9.96 -24.44 -7.97
N PRO B 15 9.66 -23.23 -8.46
CA PRO B 15 9.93 -22.06 -7.64
C PRO B 15 8.78 -21.72 -6.63
N PHE B 16 7.73 -22.54 -6.56
CA PHE B 16 6.60 -22.24 -5.65
C PHE B 16 6.77 -22.72 -4.23
N MET B 17 6.21 -21.95 -3.26
CA MET B 17 6.18 -22.32 -1.87
C MET B 17 5.09 -21.56 -1.20
N ASN B 18 4.73 -21.97 0.02
CA ASN B 18 3.73 -21.20 0.76
C ASN B 18 4.42 -19.92 1.18
N ALA B 19 3.63 -18.89 1.42
CA ALA B 19 4.06 -17.76 2.24
C ALA B 19 4.05 -18.09 3.71
N ALA B 20 5.01 -17.55 4.50
CA ALA B 20 5.01 -17.84 5.91
C ALA B 20 3.66 -17.38 6.45
N GLY B 21 3.12 -18.19 7.32
CA GLY B 21 1.87 -17.92 7.99
C GLY B 21 0.72 -18.68 7.41
N VAL B 22 0.85 -19.15 6.20
CA VAL B 22 -0.29 -19.84 5.56
C VAL B 22 0.01 -21.32 5.46
N LEU B 23 -0.89 -22.15 5.93
CA LEU B 23 -0.71 -23.62 5.89
C LEU B 23 0.66 -24.09 6.45
N CYS B 24 1.08 -23.58 7.63
CA CYS B 24 2.37 -23.96 8.10
C CYS B 24 2.64 -23.77 9.62
N SER B 25 1.58 -23.81 10.39
CA SER B 25 1.60 -23.55 11.85
C SER B 25 1.72 -24.79 12.73
N THR B 26 1.05 -25.85 12.32
CA THR B 26 1.09 -27.15 12.99
C THR B 26 1.79 -28.22 12.18
N GLU B 27 2.06 -29.36 12.83
CA GLU B 27 2.75 -30.48 12.23
C GLU B 27 1.90 -30.96 11.01
N GLU B 28 0.61 -31.05 11.23
CA GLU B 28 -0.36 -31.36 10.17
C GLU B 28 -0.25 -30.49 8.93
N ASP B 29 -0.23 -29.15 9.16
CA ASP B 29 0.02 -28.19 8.07
C ASP B 29 1.30 -28.47 7.31
N LEU B 30 2.38 -28.63 8.08
CA LEU B 30 3.71 -28.77 7.47
C LEU B 30 3.77 -30.08 6.73
N ARG B 31 3.09 -31.09 7.25
CA ARG B 31 3.01 -32.36 6.51
C ARG B 31 2.22 -32.23 5.20
N CYS B 32 1.16 -31.46 5.26
CA CYS B 32 0.33 -31.18 4.08
C CYS B 32 1.13 -30.40 3.04
N MET B 33 1.79 -29.31 3.45
CA MET B 33 2.67 -28.62 2.52
C MET B 33 3.80 -29.50 1.97
N THR B 34 4.39 -30.35 2.79
CA THR B 34 5.40 -31.32 2.31
C THR B 34 4.85 -32.27 1.24
N ALA B 35 3.62 -32.75 1.42
CA ALA B 35 2.97 -33.69 0.45
C ALA B 35 2.50 -33.00 -0.84
N SER B 36 2.41 -31.66 -0.80
CA SER B 36 1.95 -30.90 -1.96
C SER B 36 2.99 -30.85 -3.09
N SER B 37 2.60 -30.28 -4.22
CA SER B 37 3.55 -30.14 -5.31
C SER B 37 4.46 -28.96 -5.20
N SER B 38 4.40 -28.23 -4.09
CA SER B 38 5.29 -27.04 -3.91
C SER B 38 6.74 -27.44 -3.99
N GLY B 39 7.57 -26.52 -4.40
CA GLY B 39 8.96 -26.79 -4.48
C GLY B 39 9.67 -26.62 -3.14
N ALA B 40 9.04 -25.97 -2.19
CA ALA B 40 9.62 -25.79 -0.85
C ALA B 40 8.50 -25.37 0.13
N LEU B 41 8.82 -25.18 1.44
CA LEU B 41 7.84 -24.72 2.41
C LEU B 41 8.57 -23.92 3.45
N VAL B 42 7.82 -23.02 4.09
CA VAL B 42 8.30 -22.19 5.17
C VAL B 42 7.37 -22.36 6.35
N SER B 43 7.93 -22.44 7.55
CA SER B 43 7.15 -22.56 8.75
C SER B 43 6.55 -21.20 9.17
N LYS B 44 5.56 -21.21 10.06
CA LYS B 44 4.97 -20.00 10.59
C LYS B 44 6.06 -19.24 11.35
N SER B 45 6.09 -17.91 11.27
CA SER B 45 7.07 -17.11 12.03
C SER B 45 6.87 -17.40 13.52
N CYS B 46 7.97 -17.62 14.25
CA CYS B 46 7.85 -18.10 15.61
C CYS B 46 8.58 -17.27 16.60
N THR B 47 8.08 -17.38 17.83
CA THR B 47 8.60 -16.67 19.00
C THR B 47 9.12 -17.74 19.97
N SER B 48 9.87 -17.33 20.99
CA SER B 48 10.54 -18.24 21.88
C SER B 48 9.55 -19.16 22.53
N ALA B 49 8.48 -18.54 23.03
CA ALA B 49 7.36 -19.23 23.70
C ALA B 49 6.17 -19.33 22.73
N PRO B 50 5.29 -20.32 22.91
CA PRO B 50 4.02 -20.46 22.14
C PRO B 50 3.14 -19.23 22.36
N ARG B 51 2.32 -18.87 21.35
CA ARG B 51 1.39 -17.77 21.42
C ARG B 51 0.07 -18.17 20.79
N ASP B 52 -1.02 -17.77 21.46
CA ASP B 52 -2.38 -18.05 20.97
C ASP B 52 -2.80 -17.03 19.90
N GLY B 53 -2.11 -15.92 19.87
CA GLY B 53 -2.45 -14.84 18.91
C GLY B 53 -3.63 -14.02 19.38
N ASN B 54 -4.13 -13.20 18.48
CA ASN B 54 -5.27 -12.33 18.73
C ASN B 54 -6.62 -13.01 18.69
N PRO B 55 -7.63 -12.30 19.25
CA PRO B 55 -8.98 -12.82 19.31
C PRO B 55 -9.59 -13.03 17.90
N GLU B 56 -10.49 -14.00 17.70
CA GLU B 56 -11.11 -14.24 16.39
C GLU B 56 -12.39 -13.44 16.26
N PRO B 57 -12.84 -13.08 15.04
CA PRO B 57 -12.26 -13.32 13.72
C PRO B 57 -11.04 -12.43 13.48
N ARG B 58 -10.02 -13.00 12.87
CA ARG B 58 -8.71 -12.35 12.73
C ARG B 58 -8.14 -12.45 11.33
N TYR B 59 -8.81 -13.22 10.48
CA TYR B 59 -8.51 -13.37 9.08
C TYR B 59 -9.85 -13.39 8.31
N MET B 60 -9.92 -12.64 7.24
CA MET B 60 -11.09 -12.72 6.36
C MET B 60 -10.67 -12.52 4.94
N ALA B 61 -11.35 -13.21 4.02
CA ALA B 61 -10.98 -13.05 2.64
C ALA B 61 -12.16 -12.76 1.77
N PHE B 62 -11.87 -12.14 0.64
CA PHE B 62 -12.87 -11.59 -0.26
C PHE B 62 -12.39 -11.81 -1.67
N PRO B 63 -13.22 -11.50 -2.68
CA PRO B 63 -12.76 -11.71 -4.06
C PRO B 63 -11.42 -11.05 -4.40
N LEU B 64 -11.17 -9.83 -3.92
CA LEU B 64 -9.89 -9.19 -4.20
C LEU B 64 -8.74 -9.42 -3.22
N GLY B 65 -8.96 -10.11 -2.11
CA GLY B 65 -7.81 -10.36 -1.24
C GLY B 65 -8.20 -10.67 0.15
N SER B 66 -7.28 -10.44 1.07
CA SER B 66 -7.47 -10.83 2.47
C SER B 66 -6.99 -9.75 3.40
N ILE B 67 -7.57 -9.75 4.58
CA ILE B 67 -7.05 -8.92 5.66
C ILE B 67 -6.81 -9.82 6.89
N ASN B 68 -5.73 -9.55 7.64
CA ASN B 68 -5.38 -10.35 8.81
C ASN B 68 -4.71 -9.57 9.92
N SER B 69 -5.10 -9.86 11.14
CA SER B 69 -4.32 -9.39 12.29
C SER B 69 -4.24 -10.61 13.21
N MET B 70 -3.46 -11.60 12.78
CA MET B 70 -3.45 -12.87 13.49
C MET B 70 -2.82 -12.69 14.89
N GLY B 71 -1.78 -11.90 15.00
CA GLY B 71 -1.05 -11.78 16.31
C GLY B 71 0.06 -12.78 16.59
N LEU B 72 0.67 -13.32 15.53
CA LEU B 72 1.72 -14.27 15.63
C LEU B 72 1.33 -15.49 16.46
N PRO B 73 0.16 -16.04 16.23
CA PRO B 73 -0.09 -17.33 16.86
C PRO B 73 0.85 -18.40 16.34
N ASN B 74 1.51 -19.14 17.25
CA ASN B 74 2.46 -20.14 16.81
C ASN B 74 2.72 -21.11 17.92
N LEU B 75 3.25 -22.26 17.59
CA LEU B 75 3.57 -23.29 18.57
C LEU B 75 4.87 -23.07 19.41
N GLY B 76 5.58 -21.99 19.17
CA GLY B 76 6.85 -21.71 19.74
C GLY B 76 8.06 -22.33 19.03
N PHE B 77 9.18 -21.68 19.21
CA PHE B 77 10.42 -22.00 18.48
C PHE B 77 10.87 -23.47 18.74
N ASP B 78 10.65 -23.98 19.95
CA ASP B 78 11.04 -25.36 20.26
C ASP B 78 10.34 -26.35 19.32
N PHE B 79 9.08 -26.09 19.01
CA PHE B 79 8.34 -26.93 18.04
C PHE B 79 8.88 -26.91 16.60
N TYR B 80 9.14 -25.70 16.07
CA TYR B 80 9.59 -25.54 14.67
C TYR B 80 11.03 -26.07 14.55
N LEU B 81 11.84 -25.82 15.58
CA LEU B 81 13.16 -26.45 15.70
C LEU B 81 13.18 -27.97 15.66
N LYS B 82 12.38 -28.57 16.51
CA LYS B 82 12.13 -29.99 16.47
C LYS B 82 11.65 -30.48 15.13
N TYR B 83 10.68 -29.76 14.53
CA TYR B 83 10.22 -30.17 13.19
C TYR B 83 11.40 -30.16 12.15
N ALA B 84 12.18 -29.09 12.18
CA ALA B 84 13.32 -28.92 11.30
C ALA B 84 14.37 -30.02 11.54
N SER B 85 14.57 -30.35 12.80
CA SER B 85 15.68 -31.23 13.20
C SER B 85 15.33 -32.71 13.10
N ASP B 86 14.09 -33.09 13.43
CA ASP B 86 13.68 -34.52 13.54
C ASP B 86 12.54 -35.01 12.64
N LEU B 87 11.67 -34.11 12.15
CA LEU B 87 10.40 -34.52 11.45
C LEU B 87 10.36 -34.25 9.92
N HIS B 88 11.03 -33.21 9.46
CA HIS B 88 10.94 -32.85 8.09
C HIS B 88 11.73 -33.84 7.24
N ASP B 89 11.13 -34.26 6.15
CA ASP B 89 11.75 -35.10 5.17
C ASP B 89 12.44 -34.26 4.09
N TYR B 90 13.72 -34.00 4.31
CA TYR B 90 14.44 -33.13 3.41
C TYR B 90 14.57 -33.74 1.99
N SER B 91 14.34 -35.04 1.84
CA SER B 91 14.38 -35.69 0.52
C SER B 91 13.22 -35.24 -0.37
N LYS B 92 12.17 -34.70 0.26
CA LYS B 92 10.99 -34.22 -0.43
C LYS B 92 11.14 -32.77 -0.97
N LYS B 93 11.70 -31.85 -0.17
CA LYS B 93 11.88 -30.47 -0.58
C LYS B 93 12.54 -29.69 0.60
N PRO B 94 13.14 -28.56 0.29
CA PRO B 94 13.78 -27.76 1.29
C PRO B 94 12.78 -27.15 2.24
N LEU B 95 13.27 -26.91 3.44
CA LEU B 95 12.56 -26.16 4.47
C LEU B 95 13.21 -24.87 4.89
N PHE B 96 12.39 -23.81 4.94
CA PHE B 96 12.72 -22.55 5.53
C PHE B 96 11.96 -22.38 6.86
N LEU B 97 12.64 -21.83 7.86
CA LEU B 97 12.06 -21.60 9.12
C LEU B 97 12.05 -20.07 9.33
N SER B 98 10.84 -19.52 9.58
CA SER B 98 10.63 -18.09 9.82
C SER B 98 10.67 -17.81 11.34
N ILE B 99 11.50 -16.86 11.73
CA ILE B 99 11.64 -16.36 13.09
C ILE B 99 11.21 -14.87 13.19
N SER B 100 10.38 -14.58 14.20
CA SER B 100 9.83 -13.26 14.47
C SER B 100 9.82 -13.00 15.99
N GLY B 101 10.98 -13.03 16.63
CA GLY B 101 11.01 -12.71 18.06
C GLY B 101 10.58 -11.28 18.29
N LEU B 102 10.19 -11.01 19.54
CA LEU B 102 9.65 -9.70 19.94
C LEU B 102 10.78 -8.70 20.36
N SER B 103 12.03 -9.14 20.38
CA SER B 103 13.15 -8.21 20.59
C SER B 103 14.35 -8.75 19.91
N VAL B 104 15.37 -7.92 19.82
CA VAL B 104 16.61 -8.38 19.24
C VAL B 104 17.17 -9.58 20.02
N GLU B 105 17.10 -9.53 21.37
CA GLU B 105 17.71 -10.56 22.20
C GLU B 105 16.97 -11.89 22.01
N GLU B 106 15.67 -11.79 21.91
CA GLU B 106 14.87 -12.99 21.60
C GLU B 106 15.33 -13.65 20.29
N ASN B 107 15.46 -12.85 19.23
CA ASN B 107 15.97 -13.35 17.95
C ASN B 107 17.37 -13.89 18.01
N VAL B 108 18.27 -13.22 18.73
CA VAL B 108 19.67 -13.74 18.84
C VAL B 108 19.67 -15.11 19.53
N ALA B 109 18.85 -15.31 20.56
CA ALA B 109 18.80 -16.62 21.24
C ALA B 109 18.22 -17.73 20.37
N MET B 110 17.21 -17.40 19.55
CA MET B 110 16.67 -18.39 18.62
C MET B 110 17.68 -18.75 17.55
N VAL B 111 18.38 -17.77 16.98
CA VAL B 111 19.30 -18.06 15.86
C VAL B 111 20.52 -18.86 16.33
N ARG B 112 21.03 -18.54 17.52
CA ARG B 112 22.11 -19.34 18.14
C ARG B 112 21.77 -20.83 18.20
N ARG B 113 20.52 -21.11 18.59
CA ARG B 113 20.03 -22.46 18.64
C ARG B 113 19.72 -23.06 17.28
N LEU B 114 19.20 -22.24 16.36
CA LEU B 114 18.96 -22.75 15.02
C LEU B 114 20.28 -23.10 14.27
N ALA B 115 21.37 -22.34 14.47
CA ALA B 115 22.61 -22.53 13.67
C ALA B 115 23.14 -24.00 13.46
N PRO B 116 23.24 -24.81 14.52
CA PRO B 116 23.71 -26.18 14.31
C PRO B 116 22.73 -27.09 13.58
N VAL B 117 21.43 -26.77 13.68
CA VAL B 117 20.40 -27.48 12.87
C VAL B 117 20.54 -27.13 11.38
N ALA B 118 20.85 -25.88 11.08
CA ALA B 118 21.13 -25.43 9.71
C ALA B 118 22.35 -26.11 9.09
N GLN B 119 23.45 -26.07 9.84
CA GLN B 119 24.67 -26.81 9.48
C GLN B 119 24.38 -28.28 9.21
N GLU B 120 23.70 -28.93 10.14
CA GLU B 120 23.50 -30.39 10.08
C GLU B 120 22.44 -30.79 9.02
N LYS B 121 21.34 -30.05 9.01
CA LYS B 121 20.15 -30.43 8.27
C LYS B 121 19.88 -29.58 7.01
N GLY B 122 20.39 -28.37 6.94
CA GLY B 122 20.20 -27.55 5.73
C GLY B 122 18.93 -26.68 5.77
N VAL B 123 18.25 -26.61 6.91
CA VAL B 123 17.08 -25.70 7.09
C VAL B 123 17.58 -24.30 6.91
N LEU B 124 16.78 -23.48 6.20
CA LEU B 124 17.13 -22.06 5.89
C LEU B 124 16.34 -21.08 6.76
N LEU B 125 17.02 -20.06 7.27
CA LEU B 125 16.46 -19.07 8.14
C LEU B 125 15.87 -17.89 7.32
N GLU B 126 14.59 -17.56 7.58
CA GLU B 126 13.91 -16.34 7.04
C GLU B 126 13.65 -15.53 8.26
N LEU B 127 14.37 -14.41 8.43
CA LEU B 127 14.11 -13.55 9.57
C LEU B 127 13.07 -12.52 9.22
N ASN B 128 11.99 -12.46 9.98
CA ASN B 128 10.83 -11.62 9.69
C ASN B 128 10.99 -10.30 10.38
N LEU B 129 11.30 -9.29 9.59
CA LEU B 129 11.54 -7.95 10.11
C LEU B 129 10.33 -7.08 10.31
N SER B 130 9.15 -7.70 10.44
CA SER B 130 7.91 -7.07 10.97
C SER B 130 7.66 -7.52 12.43
N CYS B 131 7.07 -6.67 13.27
CA CYS B 131 6.78 -7.02 14.70
C CYS B 131 5.44 -6.44 15.24
N PRO B 132 4.92 -6.94 16.40
CA PRO B 132 3.76 -6.24 17.02
C PRO B 132 4.04 -4.77 17.48
N ASN B 133 3.05 -3.90 17.26
CA ASN B 133 3.17 -2.43 17.45
C ASN B 133 3.48 -2.00 18.90
N VAL B 134 4.61 -1.31 19.07
CA VAL B 134 5.08 -0.74 20.36
C VAL B 134 4.95 0.81 20.33
N PRO B 135 3.82 1.37 20.84
CA PRO B 135 3.56 2.84 20.65
C PRO B 135 4.83 3.74 20.79
N GLY B 136 5.07 4.58 19.79
CA GLY B 136 6.23 5.49 19.80
C GLY B 136 7.32 5.12 18.79
N LYS B 137 7.40 3.85 18.40
CA LYS B 137 8.44 3.36 17.47
C LYS B 137 7.85 2.52 16.30
N PRO B 138 8.28 2.82 15.04
CA PRO B 138 7.77 2.04 13.89
C PRO B 138 8.24 0.57 13.88
N GLN B 139 7.61 -0.27 13.08
CA GLN B 139 8.06 -1.65 12.91
C GLN B 139 9.51 -1.61 12.45
N VAL B 140 10.26 -2.69 12.72
CA VAL B 140 11.73 -2.65 12.67
C VAL B 140 12.23 -2.29 11.31
N ALA B 141 11.66 -2.87 10.26
CA ALA B 141 12.17 -2.56 8.88
C ALA B 141 11.77 -1.15 8.44
N TYR B 142 10.89 -0.48 9.21
CA TYR B 142 10.60 0.91 8.96
C TYR B 142 11.45 1.89 9.83
N ASP B 143 12.43 1.36 10.54
CA ASP B 143 13.35 2.17 11.43
C ASP B 143 14.73 1.65 11.11
N PHE B 144 15.41 2.30 10.18
CA PHE B 144 16.55 1.71 9.51
C PHE B 144 17.74 1.52 10.46
N GLU B 145 17.87 2.37 11.47
CA GLU B 145 18.91 2.14 12.49
C GLU B 145 18.63 0.92 13.37
N ALA B 146 17.37 0.72 13.79
CA ALA B 146 16.97 -0.54 14.39
C ALA B 146 17.23 -1.72 13.48
N MET B 147 16.93 -1.57 12.19
CA MET B 147 17.10 -2.66 11.25
C MET B 147 18.56 -3.02 11.13
N ARG B 148 19.45 -2.03 11.07
CA ARG B 148 20.85 -2.34 11.00
C ARG B 148 21.33 -3.06 12.29
N THR B 149 20.74 -2.74 13.42
CA THR B 149 21.13 -3.39 14.66
C THR B 149 20.69 -4.82 14.65
N TYR B 150 19.45 -5.06 14.24
CA TYR B 150 18.95 -6.41 14.22
C TYR B 150 19.87 -7.23 13.36
N LEU B 151 20.20 -6.70 12.18
CA LEU B 151 21.02 -7.49 11.24
C LEU B 151 22.44 -7.72 11.75
N GLN B 152 23.01 -6.71 12.40
CA GLN B 152 24.39 -6.91 12.94
C GLN B 152 24.40 -8.03 13.98
N GLN B 153 23.48 -7.92 14.92
CA GLN B 153 23.43 -8.87 16.00
C GLN B 153 23.11 -10.28 15.52
N VAL B 154 22.17 -10.44 14.55
CA VAL B 154 21.79 -11.72 14.06
C VAL B 154 22.90 -12.33 13.24
N SER B 155 23.54 -11.52 12.41
CA SER B 155 24.66 -12.00 11.58
C SER B 155 25.76 -12.54 12.52
N LEU B 156 26.04 -11.81 13.58
CA LEU B 156 27.07 -12.19 14.60
C LEU B 156 26.73 -13.50 15.33
N ALA B 157 25.50 -13.59 15.78
CA ALA B 157 25.00 -14.73 16.49
C ALA B 157 24.75 -15.96 15.59
N TYR B 158 24.32 -15.79 14.33
CA TYR B 158 23.96 -16.93 13.51
C TYR B 158 25.18 -17.43 12.70
N GLY B 159 25.92 -16.52 12.10
CA GLY B 159 27.12 -16.85 11.33
C GLY B 159 26.97 -17.61 10.04
N LEU B 160 25.76 -17.81 9.52
CA LEU B 160 25.52 -18.63 8.31
C LEU B 160 24.59 -17.87 7.36
N PRO B 161 24.53 -18.25 6.09
CA PRO B 161 23.59 -17.50 5.17
C PRO B 161 22.19 -17.51 5.72
N PHE B 162 21.47 -16.38 5.58
CA PHE B 162 20.07 -16.28 5.90
C PHE B 162 19.35 -15.26 5.00
N GLY B 163 18.06 -15.20 5.16
CA GLY B 163 17.21 -14.30 4.41
C GLY B 163 16.36 -13.48 5.32
N VAL B 164 15.79 -12.43 4.75
CA VAL B 164 14.98 -11.51 5.48
C VAL B 164 13.63 -11.29 4.75
N LYS B 165 12.54 -11.23 5.50
CA LYS B 165 11.20 -10.96 4.97
C LYS B 165 10.93 -9.48 5.24
N MET B 166 10.66 -8.75 4.16
CA MET B 166 10.54 -7.29 4.19
C MET B 166 9.08 -6.84 4.04
N PRO B 167 8.68 -5.82 4.81
CA PRO B 167 7.43 -5.12 4.54
C PRO B 167 7.58 -4.37 3.21
N PRO B 168 6.45 -3.99 2.58
CA PRO B 168 6.63 -3.16 1.39
C PRO B 168 7.02 -1.75 1.73
N TYR B 169 7.83 -1.16 0.84
CA TYR B 169 8.08 0.27 0.79
C TYR B 169 7.38 0.90 -0.39
N PHE B 170 7.23 2.19 -0.30
CA PHE B 170 6.39 2.99 -1.16
C PHE B 170 7.07 4.27 -1.62
N ASP B 171 8.33 4.44 -1.29
CA ASP B 171 9.05 5.66 -1.65
C ASP B 171 10.46 5.23 -2.10
N ILE B 172 10.91 5.78 -3.22
CA ILE B 172 12.22 5.46 -3.77
C ILE B 172 13.36 5.71 -2.81
N ALA B 173 13.34 6.80 -2.07
CA ALA B 173 14.43 7.02 -1.09
C ALA B 173 14.47 5.87 -0.04
N HIS B 174 13.30 5.32 0.32
CA HIS B 174 13.32 4.18 1.23
C HIS B 174 13.88 2.92 0.65
N PHE B 175 13.55 2.67 -0.63
CA PHE B 175 14.17 1.56 -1.31
C PHE B 175 15.71 1.73 -1.27
N ASP B 176 16.20 2.90 -1.62
CA ASP B 176 17.65 3.18 -1.55
C ASP B 176 18.23 2.92 -0.16
N THR B 177 17.62 3.44 0.87
CA THR B 177 18.15 3.26 2.20
C THR B 177 18.08 1.83 2.66
N ALA B 178 16.91 1.18 2.54
CA ALA B 178 16.73 -0.22 2.91
C ALA B 178 17.71 -1.14 2.23
N ALA B 179 17.85 -1.01 0.92
CA ALA B 179 18.78 -1.88 0.18
C ALA B 179 20.26 -1.64 0.62
N ALA B 180 20.61 -0.42 0.93
CA ALA B 180 21.96 -0.05 1.43
C ALA B 180 22.20 -0.67 2.79
N VAL B 181 21.19 -0.69 3.67
CA VAL B 181 21.34 -1.44 4.93
C VAL B 181 21.60 -2.92 4.62
N LEU B 182 20.72 -3.55 3.83
CA LEU B 182 20.81 -4.91 3.61
C LEU B 182 22.13 -5.28 2.94
N ASN B 183 22.59 -4.48 2.02
CA ASN B 183 23.89 -4.75 1.41
C ASN B 183 25.09 -4.59 2.37
N GLU B 184 24.88 -4.11 3.61
CA GLU B 184 26.04 -4.10 4.59
C GLU B 184 26.33 -5.48 5.11
N PHE B 185 25.40 -6.43 4.82
CA PHE B 185 25.40 -7.74 5.47
C PHE B 185 25.53 -8.88 4.46
N PRO B 186 26.75 -9.38 4.30
CA PRO B 186 27.06 -10.45 3.31
C PRO B 186 26.32 -11.78 3.60
N LEU B 187 25.98 -12.02 4.87
CA LEU B 187 25.20 -13.25 5.24
C LEU B 187 23.70 -13.20 4.82
N VAL B 188 23.17 -12.01 4.54
CA VAL B 188 21.84 -11.90 3.99
C VAL B 188 21.89 -12.29 2.51
N LYS B 189 21.53 -13.51 2.18
CA LYS B 189 21.66 -13.97 0.79
C LYS B 189 20.31 -13.89 0.04
N PHE B 190 19.18 -13.71 0.73
CA PHE B 190 17.87 -13.55 0.04
C PHE B 190 16.98 -12.55 0.78
N VAL B 191 16.14 -11.89 -0.01
CA VAL B 191 15.23 -10.90 0.50
C VAL B 191 13.85 -11.32 -0.02
N THR B 192 12.89 -11.50 0.86
CA THR B 192 11.51 -11.82 0.48
C THR B 192 10.65 -10.57 0.51
N CYS B 193 10.16 -10.23 -0.69
CA CYS B 193 9.31 -9.02 -0.91
C CYS B 193 7.97 -9.51 -1.42
N VAL B 194 6.87 -9.38 -0.68
CA VAL B 194 6.68 -8.56 0.47
C VAL B 194 5.78 -9.24 1.47
N ASN B 195 5.87 -8.69 2.68
CA ASN B 195 4.92 -9.02 3.76
C ASN B 195 3.62 -8.26 3.42
N SER B 196 2.53 -8.46 4.17
CA SER B 196 1.24 -7.79 3.88
C SER B 196 1.38 -6.28 3.89
N VAL B 197 0.51 -5.64 3.12
CA VAL B 197 0.50 -4.21 3.12
C VAL B 197 -0.22 -3.83 4.45
N GLY B 198 0.49 -3.07 5.28
CA GLY B 198 0.17 -2.92 6.70
C GLY B 198 -1.05 -2.08 6.93
N ASN B 199 -1.82 -2.50 7.92
CA ASN B 199 -2.88 -1.70 8.46
C ASN B 199 -3.90 -1.13 7.42
N GLY B 200 -4.45 -2.00 6.57
CA GLY B 200 -5.61 -1.61 5.82
C GLY B 200 -6.85 -1.91 6.64
N LEU B 201 -8.02 -1.54 6.11
CA LEU B 201 -9.28 -1.67 6.88
C LEU B 201 -10.36 -2.02 5.87
N VAL B 202 -10.94 -3.20 6.09
CA VAL B 202 -12.14 -3.71 5.41
C VAL B 202 -13.42 -3.52 6.24
N ILE B 203 -14.43 -2.93 5.60
CA ILE B 203 -15.75 -2.65 6.17
C ILE B 203 -16.78 -3.36 5.34
N ASP B 204 -17.71 -3.98 6.01
CA ASP B 204 -18.86 -4.65 5.34
C ASP B 204 -20.04 -3.67 5.30
N ALA B 205 -20.55 -3.37 4.08
CA ALA B 205 -21.59 -2.40 3.92
C ALA B 205 -22.88 -2.84 4.60
N GLU B 206 -23.30 -4.07 4.46
CA GLU B 206 -24.61 -4.51 5.08
C GLU B 206 -24.69 -4.33 6.60
N SER B 207 -23.68 -4.81 7.31
CA SER B 207 -23.59 -4.76 8.74
C SER B 207 -22.96 -3.42 9.30
N GLU B 208 -22.31 -2.67 8.43
CA GLU B 208 -21.65 -1.40 8.78
C GLU B 208 -20.57 -1.59 9.86
N SER B 209 -19.85 -2.71 9.74
CA SER B 209 -18.85 -3.14 10.70
C SER B 209 -17.58 -3.53 10.00
N VAL B 210 -16.49 -3.34 10.73
CA VAL B 210 -15.23 -3.93 10.33
C VAL B 210 -15.40 -5.48 10.36
N VAL B 211 -14.46 -6.21 9.75
CA VAL B 211 -14.59 -7.66 9.56
C VAL B 211 -13.65 -8.51 10.37
N ILE B 212 -12.65 -7.90 10.98
CA ILE B 212 -11.84 -8.60 11.90
C ILE B 212 -11.87 -7.79 13.22
N LYS B 213 -11.64 -8.52 14.29
CA LYS B 213 -11.89 -8.04 15.69
C LYS B 213 -10.68 -7.28 16.31
N PRO B 214 -9.46 -7.81 16.11
CA PRO B 214 -8.28 -7.10 16.69
C PRO B 214 -8.03 -5.73 16.06
N LYS B 215 -7.41 -4.83 16.78
CA LYS B 215 -6.98 -3.54 16.29
C LYS B 215 -8.07 -2.71 15.63
N GLN B 216 -9.29 -2.77 16.13
CA GLN B 216 -10.41 -2.00 15.59
C GLN B 216 -10.59 -2.28 14.09
N GLY B 217 -10.23 -3.50 13.67
CA GLY B 217 -10.54 -3.96 12.30
C GLY B 217 -9.36 -3.76 11.36
N PHE B 218 -8.26 -3.16 11.87
CA PHE B 218 -7.09 -2.82 11.05
C PHE B 218 -6.21 -4.07 10.95
N GLY B 219 -5.67 -4.36 9.76
CA GLY B 219 -4.85 -5.53 9.53
C GLY B 219 -4.12 -5.51 8.25
N GLY B 220 -3.16 -6.41 8.06
CA GLY B 220 -2.40 -6.48 6.86
C GLY B 220 -3.21 -7.02 5.68
N LEU B 221 -3.01 -6.43 4.51
CA LEU B 221 -3.65 -6.89 3.29
C LEU B 221 -2.79 -7.81 2.45
N GLY B 222 -3.44 -8.80 1.87
CA GLY B 222 -2.79 -9.67 0.94
C GLY B 222 -3.71 -9.90 -0.26
N GLY B 223 -3.18 -10.50 -1.28
CA GLY B 223 -4.05 -10.93 -2.41
C GLY B 223 -3.96 -9.93 -3.55
N LYS B 224 -5.00 -9.91 -4.38
CA LYS B 224 -5.07 -9.06 -5.55
C LYS B 224 -4.84 -7.58 -5.33
N TYR B 225 -5.29 -7.04 -4.21
CA TYR B 225 -4.99 -5.70 -3.79
C TYR B 225 -3.49 -5.36 -3.90
N ILE B 226 -2.59 -6.34 -3.67
CA ILE B 226 -1.21 -5.98 -3.46
C ILE B 226 -0.18 -6.37 -4.56
N LEU B 227 -0.63 -6.98 -5.64
CA LEU B 227 0.26 -7.43 -6.68
C LEU B 227 1.19 -6.34 -7.23
N PRO B 228 0.66 -5.17 -7.61
CA PRO B 228 1.61 -4.18 -8.19
C PRO B 228 2.64 -3.63 -7.13
N THR B 229 2.21 -3.54 -5.90
CA THR B 229 3.10 -3.22 -4.80
C THR B 229 4.21 -4.29 -4.61
N ALA B 230 3.81 -5.53 -4.67
CA ALA B 230 4.75 -6.67 -4.52
C ALA B 230 5.76 -6.73 -5.68
N LEU B 231 5.28 -6.56 -6.93
CA LEU B 231 6.12 -6.50 -8.10
C LEU B 231 7.10 -5.32 -7.99
N ALA B 232 6.66 -4.20 -7.48
CA ALA B 232 7.52 -3.01 -7.44
C ALA B 232 8.64 -3.29 -6.40
N ASN B 233 8.29 -3.85 -5.25
CA ASN B 233 9.33 -4.18 -4.27
C ASN B 233 10.34 -5.25 -4.74
N VAL B 234 9.83 -6.27 -5.37
CA VAL B 234 10.68 -7.29 -5.94
C VAL B 234 11.69 -6.66 -6.91
N ASN B 235 11.19 -5.88 -7.86
CA ASN B 235 12.06 -5.29 -8.78
C ASN B 235 13.04 -4.29 -8.15
N ALA B 236 12.59 -3.48 -7.20
CA ALA B 236 13.43 -2.46 -6.62
C ALA B 236 14.64 -3.11 -5.92
N PHE B 237 14.38 -4.17 -5.14
CA PHE B 237 15.45 -4.92 -4.47
C PHE B 237 16.27 -5.75 -5.43
N TYR B 238 15.65 -6.28 -6.48
CA TYR B 238 16.41 -7.05 -7.43
C TYR B 238 17.43 -6.13 -8.04
N ARG B 239 17.04 -4.90 -8.34
CA ARG B 239 17.92 -3.96 -9.00
C ARG B 239 19.05 -3.53 -8.04
N ARG B 240 18.72 -3.41 -6.78
CA ARG B 240 19.64 -2.75 -5.80
C ARG B 240 20.51 -3.76 -5.12
N CYS B 241 20.13 -5.02 -5.17
CA CYS B 241 20.85 -6.07 -4.43
C CYS B 241 21.33 -7.17 -5.39
N PRO B 242 22.27 -6.84 -6.27
CA PRO B 242 22.70 -7.80 -7.29
C PRO B 242 23.41 -9.05 -6.75
N ASP B 243 23.94 -8.99 -5.54
CA ASP B 243 24.59 -10.15 -4.95
C ASP B 243 23.63 -10.96 -4.06
N LYS B 244 22.33 -10.62 -4.03
CA LYS B 244 21.35 -11.35 -3.25
C LYS B 244 20.26 -11.92 -4.18
N LEU B 245 19.54 -12.91 -3.67
CA LEU B 245 18.34 -13.42 -4.40
C LEU B 245 17.19 -12.67 -3.88
N VAL B 246 16.16 -12.49 -4.70
CA VAL B 246 14.87 -11.89 -4.28
C VAL B 246 13.80 -12.99 -4.44
N PHE B 247 13.03 -13.19 -3.37
CA PHE B 247 11.88 -14.12 -3.34
C PHE B 247 10.67 -13.23 -3.46
N GLY B 248 9.73 -13.58 -4.34
CA GLY B 248 8.54 -12.73 -4.49
C GLY B 248 7.40 -13.33 -3.74
N CYS B 249 6.60 -12.45 -3.20
CA CYS B 249 5.44 -12.79 -2.40
C CYS B 249 4.49 -11.63 -2.54
N GLY B 250 3.25 -11.93 -2.94
CA GLY B 250 2.15 -10.93 -2.94
C GLY B 250 1.29 -11.03 -4.19
N GLY B 251 0.03 -11.42 -4.05
CA GLY B 251 -0.94 -11.38 -5.16
C GLY B 251 -0.83 -12.49 -6.18
N VAL B 252 -0.23 -13.64 -5.84
CA VAL B 252 -0.10 -14.69 -6.82
C VAL B 252 -1.34 -15.61 -6.71
N TYR B 253 -2.17 -15.66 -7.77
CA TYR B 253 -3.31 -16.57 -7.89
C TYR B 253 -3.23 -17.41 -9.17
N SER B 254 -2.24 -17.20 -10.01
CA SER B 254 -2.13 -17.89 -11.28
C SER B 254 -0.67 -17.99 -11.73
N GLY B 255 -0.47 -18.85 -12.72
CA GLY B 255 0.82 -18.93 -13.40
C GLY B 255 1.22 -17.61 -14.04
N GLU B 256 0.23 -16.83 -14.48
CA GLU B 256 0.49 -15.50 -14.99
C GLU B 256 1.11 -14.56 -13.96
N ASP B 257 0.54 -14.52 -12.79
CA ASP B 257 1.05 -13.68 -11.72
C ASP B 257 2.45 -14.11 -11.27
N ALA B 258 2.68 -15.42 -11.16
CA ALA B 258 3.98 -15.94 -10.94
C ALA B 258 4.94 -15.51 -12.00
N PHE B 259 4.49 -15.59 -13.26
CA PHE B 259 5.34 -15.20 -14.37
C PHE B 259 5.81 -13.71 -14.20
N LEU B 260 4.92 -12.84 -13.74
CA LEU B 260 5.27 -11.43 -13.60
C LEU B 260 6.25 -11.22 -12.44
N HIS B 261 6.08 -11.96 -11.37
CA HIS B 261 7.07 -11.90 -10.28
C HIS B 261 8.51 -12.29 -10.76
N ILE B 262 8.58 -13.37 -11.52
CA ILE B 262 9.88 -13.85 -12.00
C ILE B 262 10.45 -12.85 -13.00
N LEU B 263 9.60 -12.29 -13.89
CA LEU B 263 10.06 -11.18 -14.71
C LEU B 263 10.63 -9.98 -13.92
N ALA B 264 9.97 -9.66 -12.79
CA ALA B 264 10.39 -8.62 -11.90
C ALA B 264 11.72 -8.90 -11.18
N GLY B 265 12.11 -10.17 -11.13
CA GLY B 265 13.35 -10.59 -10.51
C GLY B 265 13.28 -11.76 -9.51
N ALA B 266 12.12 -12.31 -9.25
CA ALA B 266 11.91 -13.32 -8.27
C ALA B 266 12.59 -14.66 -8.58
N SER B 267 13.25 -15.22 -7.58
CA SER B 267 13.84 -16.56 -7.72
C SER B 267 12.83 -17.63 -7.24
N MET B 268 12.20 -17.45 -6.08
CA MET B 268 11.09 -18.31 -5.60
C MET B 268 9.92 -17.35 -5.56
N VAL B 269 8.72 -17.93 -5.55
CA VAL B 269 7.46 -17.22 -5.58
C VAL B 269 6.61 -17.90 -4.49
N GLN B 270 6.25 -17.12 -3.51
CA GLN B 270 5.44 -17.53 -2.39
C GLN B 270 3.95 -17.20 -2.62
N VAL B 271 3.10 -18.10 -2.10
CA VAL B 271 1.65 -17.91 -2.26
C VAL B 271 1.02 -17.96 -0.85
N GLY B 272 0.28 -16.90 -0.49
CA GLY B 272 -0.31 -16.68 0.81
C GLY B 272 -1.81 -16.78 0.60
N THR B 273 -2.46 -15.66 0.32
CA THR B 273 -3.93 -15.60 0.30
C THR B 273 -4.52 -16.71 -0.62
N ALA B 274 -3.94 -16.88 -1.79
CA ALA B 274 -4.57 -17.70 -2.86
C ALA B 274 -4.54 -19.18 -2.39
N LEU B 275 -3.48 -19.47 -1.67
CA LEU B 275 -3.24 -20.79 -1.03
C LEU B 275 -4.18 -21.03 0.17
N GLN B 276 -4.36 -20.01 1.00
CA GLN B 276 -5.39 -20.05 2.07
C GLN B 276 -6.76 -20.36 1.50
N GLU B 277 -7.09 -19.75 0.36
CA GLU B 277 -8.46 -19.87 -0.16
C GLU B 277 -8.63 -21.14 -0.96
N GLU B 278 -7.66 -21.55 -1.78
CA GLU B 278 -7.82 -22.61 -2.72
C GLU B 278 -7.33 -23.91 -2.18
N GLY B 279 -6.35 -23.90 -1.26
CA GLY B 279 -5.80 -25.10 -0.69
C GLY B 279 -4.58 -25.53 -1.50
N PRO B 280 -3.87 -26.57 -1.06
CA PRO B 280 -2.55 -27.00 -1.68
C PRO B 280 -2.61 -27.50 -3.15
N GLY B 281 -3.80 -27.85 -3.63
CA GLY B 281 -3.96 -28.17 -5.05
C GLY B 281 -3.53 -27.03 -5.93
N ILE B 282 -3.57 -25.81 -5.40
CA ILE B 282 -3.17 -24.66 -6.17
C ILE B 282 -1.77 -24.81 -6.80
N PHE B 283 -0.91 -25.57 -6.16
CA PHE B 283 0.45 -25.68 -6.64
C PHE B 283 0.54 -26.45 -7.97
N THR B 284 -0.32 -27.41 -8.22
CA THR B 284 -0.23 -28.13 -9.49
C THR B 284 -0.74 -27.21 -10.58
N ARG B 285 -1.76 -26.43 -10.29
CA ARG B 285 -2.31 -25.50 -11.27
C ARG B 285 -1.32 -24.42 -11.65
N LEU B 286 -0.72 -23.80 -10.65
CA LEU B 286 0.32 -22.79 -10.86
C LEU B 286 1.47 -23.33 -11.73
N GLU B 287 1.90 -24.56 -11.49
CA GLU B 287 2.94 -25.24 -12.27
C GLU B 287 2.49 -25.29 -13.72
N ASP B 288 1.30 -25.88 -13.92
CA ASP B 288 0.74 -26.11 -15.26
C ASP B 288 0.62 -24.78 -16.02
N GLU B 289 0.09 -23.74 -15.35
CA GLU B 289 -0.14 -22.47 -16.02
C GLU B 289 1.20 -21.76 -16.35
N LEU B 290 2.15 -21.75 -15.43
CA LEU B 290 3.45 -21.15 -15.69
C LEU B 290 4.14 -21.86 -16.89
N LEU B 291 4.12 -23.19 -16.95
CA LEU B 291 4.80 -23.89 -18.04
C LEU B 291 4.10 -23.59 -19.36
N GLU B 292 2.79 -23.45 -19.34
CA GLU B 292 1.97 -23.11 -20.51
C GLU B 292 2.33 -21.76 -21.04
N ILE B 293 2.41 -20.78 -20.14
CA ILE B 293 2.94 -19.43 -20.56
C ILE B 293 4.35 -19.54 -21.16
N MET B 294 5.26 -20.26 -20.49
CA MET B 294 6.60 -20.52 -21.01
C MET B 294 6.59 -21.12 -22.39
N ALA B 295 5.77 -22.15 -22.57
CA ALA B 295 5.70 -22.89 -23.85
C ALA B 295 5.29 -21.95 -24.97
N ARG B 296 4.29 -21.12 -24.72
CA ARG B 296 3.78 -20.33 -25.77
C ARG B 296 4.79 -19.23 -26.12
N LYS B 297 5.62 -18.76 -25.14
CA LYS B 297 6.65 -17.77 -25.40
C LYS B 297 7.95 -18.37 -25.87
N GLY B 298 8.09 -19.67 -25.79
CA GLY B 298 9.33 -20.29 -26.15
C GLY B 298 10.40 -20.15 -25.09
N TYR B 299 10.03 -20.04 -23.84
CA TYR B 299 11.02 -20.07 -22.80
C TYR B 299 11.18 -21.53 -22.31
N ARG B 300 12.43 -21.99 -22.22
CA ARG B 300 12.72 -23.29 -21.64
C ARG B 300 13.17 -23.25 -20.20
N THR B 301 13.67 -22.11 -19.72
CA THR B 301 14.19 -21.98 -18.37
C THR B 301 13.66 -20.72 -17.72
N LEU B 302 13.56 -20.69 -16.39
CA LEU B 302 13.21 -19.45 -15.67
C LEU B 302 14.33 -18.40 -15.84
N GLU B 303 15.58 -18.88 -15.84
CA GLU B 303 16.74 -17.95 -15.99
C GLU B 303 16.63 -17.11 -17.25
N GLU B 304 15.94 -17.62 -18.27
CA GLU B 304 15.82 -16.86 -19.52
C GLU B 304 15.07 -15.51 -19.39
N PHE B 305 14.16 -15.40 -18.44
CA PHE B 305 13.39 -14.19 -18.27
C PHE B 305 13.39 -13.61 -16.86
N ARG B 306 14.07 -14.24 -15.86
CA ARG B 306 14.04 -13.73 -14.54
C ARG B 306 14.67 -12.35 -14.59
N GLY B 307 13.96 -11.37 -14.07
CA GLY B 307 14.47 -9.99 -13.99
C GLY B 307 14.53 -9.32 -15.36
N ARG B 308 13.94 -9.87 -16.38
CA ARG B 308 14.05 -9.25 -17.70
C ARG B 308 12.86 -8.40 -18.08
N VAL B 309 12.09 -7.93 -17.10
CA VAL B 309 11.01 -7.03 -17.39
C VAL B 309 11.56 -5.89 -18.21
N LYS B 310 10.85 -5.56 -19.25
CA LYS B 310 11.26 -4.43 -20.15
C LYS B 310 10.76 -3.11 -19.67
N THR B 311 11.59 -2.06 -19.80
CA THR B 311 11.14 -0.69 -19.54
C THR B 311 10.89 -0.04 -20.88
N ILE B 312 10.25 1.14 -20.89
CA ILE B 312 9.94 1.86 -22.13
C ILE B 312 10.99 2.95 -22.31
N GLU B 313 11.72 2.92 -23.43
CA GLU B 313 12.90 3.76 -23.56
C GLU B 313 13.58 3.65 -22.18
#